data_2QHT
#
_entry.id   2QHT
#
_cell.length_a   63.609
_cell.length_b   63.609
_cell.length_c   113.869
_cell.angle_alpha   90.000
_cell.angle_beta   90.000
_cell.angle_gamma   90.000
#
_symmetry.space_group_name_H-M   'P 41 21 2'
#
loop_
_entity.id
_entity.type
_entity.pdbx_description
1 polymer Lipoyltransferase
2 water water
#
_entity_poly.entity_id   1
_entity_poly.type   'polypeptide(L)'
_entity_poly.pdbx_seq_one_letter_code
;MEFLVEDLGLVPYGEAWAYQKRVHREVVAGNRPPTLLLLEHPRVITLGRKATGENLLFPESWYRENGFELYWVERGGDVT
YHGPGQLVGYPIFPVGREVRRFLRQIEEAIVRVAAGYGISAYPTPGYAGVWVGEDKLCAIGVAVKEGVSFHGFALNVNTD
LNDFTVIVPCGLKGKGVTSLEKLLGRKVPMEEAKARVVAAFAEVFGLRPV
;
_entity_poly.pdbx_strand_id   A
#
# COMPACT_ATOMS: atom_id res chain seq x y z
N MET A 1 14.66 18.11 -2.95
CA MET A 1 14.74 18.36 -1.48
C MET A 1 13.38 18.29 -0.78
N GLU A 2 12.31 18.23 -1.57
CA GLU A 2 10.96 18.19 -1.02
C GLU A 2 10.12 17.06 -1.62
N PHE A 3 9.08 16.66 -0.91
CA PHE A 3 8.00 15.86 -1.49
C PHE A 3 6.66 16.42 -1.11
N LEU A 4 5.69 16.28 -2.01
CA LEU A 4 4.35 16.78 -1.79
C LEU A 4 3.46 15.65 -1.26
N VAL A 5 2.71 15.94 -0.21
CA VAL A 5 1.73 15.00 0.31
C VAL A 5 0.33 15.47 -0.08
N GLU A 6 -0.45 14.56 -0.66
CA GLU A 6 -1.87 14.81 -0.90
C GLU A 6 -2.69 13.77 -0.18
N ASP A 7 -3.55 14.22 0.73
CA ASP A 7 -4.49 13.34 1.40
C ASP A 7 -5.79 13.38 0.62
N LEU A 8 -6.09 12.30 -0.11
CA LEU A 8 -7.30 12.24 -0.91
C LEU A 8 -8.51 11.74 -0.14
N GLY A 9 -8.28 11.27 1.10
CA GLY A 9 -9.35 10.63 1.85
C GLY A 9 -9.86 9.37 1.18
N LEU A 10 -11.16 9.11 1.32
CA LEU A 10 -11.77 7.92 0.75
C LEU A 10 -12.14 8.17 -0.71
N VAL A 11 -11.50 7.40 -1.60
CA VAL A 11 -11.70 7.54 -3.05
C VAL A 11 -11.88 6.18 -3.73
N PRO A 12 -12.85 6.06 -4.65
CA PRO A 12 -13.03 4.83 -5.40
C PRO A 12 -11.77 4.48 -6.17
N TYR A 13 -11.49 3.18 -6.24
CA TYR A 13 -10.27 2.70 -6.83
C TYR A 13 -10.04 3.20 -8.26
N GLY A 14 -11.07 3.14 -9.09
CA GLY A 14 -10.92 3.46 -10.51
C GLY A 14 -10.51 4.90 -10.75
N GLU A 15 -11.23 5.82 -10.11
CA GLU A 15 -10.87 7.23 -10.26
C GLU A 15 -9.55 7.55 -9.60
N ALA A 16 -9.25 6.91 -8.46
CA ALA A 16 -7.95 7.12 -7.83
C ALA A 16 -6.81 6.63 -8.72
N TRP A 17 -7.06 5.54 -9.44
CA TRP A 17 -6.07 5.01 -10.37
C TRP A 17 -5.83 6.03 -11.49
N ALA A 18 -6.91 6.58 -12.03
CA ALA A 18 -6.80 7.60 -13.09
C ALA A 18 -5.99 8.80 -12.56
N TYR A 19 -6.22 9.15 -11.31
CA TYR A 19 -5.47 10.25 -10.69
C TYR A 19 -3.98 9.88 -10.55
N GLN A 20 -3.69 8.65 -10.10
CA GLN A 20 -2.28 8.20 -10.06
C GLN A 20 -1.60 8.44 -11.40
N LYS A 21 -2.29 8.07 -12.47
CA LYS A 21 -1.67 8.12 -13.80
C LYS A 21 -1.42 9.57 -14.21
N ARG A 22 -2.33 10.47 -13.84
CA ARG A 22 -2.13 11.90 -14.12
C ARG A 22 -0.99 12.51 -13.31
N VAL A 23 -0.90 12.12 -12.04
CA VAL A 23 0.18 12.56 -11.18
C VAL A 23 1.51 12.05 -11.72
N HIS A 24 1.52 10.78 -12.09
CA HIS A 24 2.70 10.15 -12.67
C HIS A 24 3.20 10.91 -13.90
N ARG A 25 2.29 11.26 -14.80
CA ARG A 25 2.67 12.00 -16.01
C ARG A 25 3.36 13.31 -15.65
N GLU A 26 2.83 14.03 -14.65
CA GLU A 26 3.42 15.31 -14.23
C GLU A 26 4.81 15.14 -13.63
N VAL A 27 5.00 14.09 -12.83
CA VAL A 27 6.30 13.85 -12.24
C VAL A 27 7.33 13.46 -13.33
N VAL A 28 6.91 12.61 -14.26
CA VAL A 28 7.75 12.22 -15.40
C VAL A 28 8.23 13.46 -16.16
N ALA A 29 7.31 14.41 -16.34
CA ALA A 29 7.56 15.64 -17.08
C ALA A 29 8.39 16.64 -16.29
N GLY A 30 8.64 16.36 -15.01
CA GLY A 30 9.42 17.27 -14.16
C GLY A 30 8.61 18.50 -13.75
N ASN A 31 7.29 18.36 -13.78
CA ASN A 31 6.37 19.48 -13.55
C ASN A 31 5.60 19.38 -12.24
N ARG A 32 6.04 18.47 -11.38
CA ARG A 32 5.43 18.23 -10.08
C ARG A 32 6.52 17.58 -9.25
N PRO A 33 6.59 17.92 -7.94
CA PRO A 33 7.57 17.24 -7.09
C PRO A 33 7.19 15.77 -6.86
N PRO A 34 8.13 14.97 -6.37
CA PRO A 34 7.80 13.61 -5.95
C PRO A 34 6.58 13.73 -5.03
N THR A 35 5.57 12.90 -5.27
CA THR A 35 4.28 13.07 -4.59
C THR A 35 3.88 11.80 -3.85
N LEU A 36 3.50 11.96 -2.59
CA LEU A 36 2.96 10.85 -1.82
C LEU A 36 1.46 11.04 -1.67
N LEU A 37 0.70 10.19 -2.34
CA LEU A 37 -0.75 10.20 -2.19
C LEU A 37 -1.12 9.31 -1.03
N LEU A 38 -1.95 9.82 -0.12
CA LEU A 38 -2.44 9.05 1.02
C LEU A 38 -3.95 9.01 0.93
N LEU A 39 -4.54 7.83 1.16
CA LEU A 39 -5.95 7.65 0.87
C LEU A 39 -6.47 6.36 1.45
N GLU A 40 -7.78 6.16 1.27
CA GLU A 40 -8.43 4.89 1.52
C GLU A 40 -9.28 4.56 0.31
N HIS A 41 -9.53 3.27 0.09
CA HIS A 41 -10.47 2.83 -0.94
C HIS A 41 -11.65 2.09 -0.33
N PRO A 42 -12.83 2.22 -0.96
CA PRO A 42 -13.91 1.26 -0.69
C PRO A 42 -13.45 -0.15 -1.05
N ARG A 43 -14.09 -1.15 -0.47
CA ARG A 43 -13.66 -2.54 -0.61
C ARG A 43 -13.38 -2.91 -2.07
N VAL A 44 -12.13 -3.34 -2.32
CA VAL A 44 -11.68 -3.64 -3.67
C VAL A 44 -10.62 -4.72 -3.62
N ILE A 45 -10.63 -5.57 -4.65
CA ILE A 45 -9.60 -6.58 -4.82
C ILE A 45 -8.88 -6.26 -6.10
N THR A 46 -7.55 -6.23 -6.03
CA THR A 46 -6.74 -6.00 -7.22
C THR A 46 -5.87 -7.20 -7.52
N LEU A 47 -5.65 -7.44 -8.79
CA LEU A 47 -4.94 -8.61 -9.24
C LEU A 47 -3.80 -8.14 -10.12
N GLY A 48 -2.59 -8.32 -9.59
CA GLY A 48 -1.37 -7.76 -10.15
C GLY A 48 -0.70 -8.68 -11.15
N ARG A 49 0.57 -8.40 -11.41
CA ARG A 49 1.32 -9.10 -12.47
C ARG A 49 1.31 -10.63 -12.33
N LYS A 50 1.42 -11.13 -11.10
CA LYS A 50 1.54 -12.58 -10.86
C LYS A 50 0.21 -13.24 -10.49
N ALA A 51 -0.90 -12.51 -10.63
CA ALA A 51 -2.21 -13.00 -10.21
C ALA A 51 -2.93 -13.84 -11.27
N THR A 52 -3.69 -14.84 -10.80
CA THR A 52 -4.56 -15.68 -11.61
C THR A 52 -5.93 -15.90 -10.93
N GLY A 53 -6.79 -16.71 -11.53
CA GLY A 53 -8.11 -17.01 -10.98
C GLY A 53 -8.08 -17.82 -9.69
N GLU A 54 -6.97 -18.53 -9.48
CA GLU A 54 -6.74 -19.32 -8.27
C GLU A 54 -6.57 -18.44 -7.04
N ASN A 55 -6.31 -17.16 -7.27
CA ASN A 55 -6.13 -16.22 -6.17
C ASN A 55 -7.45 -15.76 -5.59
N LEU A 56 -8.54 -16.11 -6.25
CA LEU A 56 -9.88 -15.79 -5.77
C LEU A 56 -10.53 -17.08 -5.31
N LEU A 57 -10.94 -17.11 -4.04
CA LEU A 57 -11.58 -18.31 -3.48
C LEU A 57 -12.92 -18.58 -4.14
N PHE A 58 -13.72 -17.54 -4.31
CA PHE A 58 -15.02 -17.62 -4.98
C PHE A 58 -14.94 -17.16 -6.45
N PRO A 59 -16.00 -17.39 -7.26
CA PRO A 59 -15.96 -16.82 -8.62
C PRO A 59 -15.95 -15.29 -8.61
N GLU A 60 -15.41 -14.65 -9.66
CA GLU A 60 -15.34 -13.18 -9.74
C GLU A 60 -16.67 -12.53 -9.42
N SER A 61 -17.76 -13.14 -9.92
CA SER A 61 -19.10 -12.58 -9.76
C SER A 61 -19.52 -12.49 -8.30
N TRP A 62 -19.03 -13.42 -7.49
CA TRP A 62 -19.35 -13.41 -6.07
C TRP A 62 -18.89 -12.10 -5.44
N TYR A 63 -17.68 -11.66 -5.80
CA TYR A 63 -17.10 -10.47 -5.18
C TYR A 63 -17.93 -9.23 -5.42
N ARG A 64 -18.37 -9.04 -6.66
CA ARG A 64 -19.16 -7.85 -7.00
C ARG A 64 -20.54 -7.88 -6.37
N GLU A 65 -21.08 -9.09 -6.23
CA GLU A 65 -22.36 -9.31 -5.55
C GLU A 65 -22.26 -9.04 -4.05
N ASN A 66 -21.05 -9.15 -3.50
CA ASN A 66 -20.85 -9.02 -2.07
C ASN A 66 -20.04 -7.80 -1.66
N GLY A 67 -20.09 -6.77 -2.49
CA GLY A 67 -19.66 -5.45 -2.09
C GLY A 67 -18.22 -5.08 -2.39
N PHE A 68 -17.53 -5.93 -3.17
CA PHE A 68 -16.18 -5.61 -3.62
C PHE A 68 -16.21 -5.07 -5.05
N GLU A 69 -15.30 -4.16 -5.36
CA GLU A 69 -14.92 -3.92 -6.74
C GLU A 69 -13.72 -4.83 -7.02
N LEU A 70 -13.45 -5.09 -8.29
CA LEU A 70 -12.36 -5.99 -8.67
C LEU A 70 -11.67 -5.45 -9.92
N TYR A 71 -10.33 -5.39 -9.89
CA TYR A 71 -9.56 -4.83 -11.02
C TYR A 71 -8.26 -5.58 -11.26
N TRP A 72 -7.88 -5.69 -12.53
CA TRP A 72 -6.59 -6.22 -12.94
C TRP A 72 -5.62 -5.07 -13.18
N VAL A 73 -4.46 -5.14 -12.54
CA VAL A 73 -3.49 -4.05 -12.53
C VAL A 73 -2.09 -4.52 -12.86
N GLU A 74 -1.17 -3.58 -13.08
CA GLU A 74 0.19 -3.95 -13.52
C GLU A 74 1.27 -3.82 -12.44
N ARG A 75 0.86 -3.66 -11.18
CA ARG A 75 1.82 -3.65 -10.04
C ARG A 75 2.37 -5.05 -9.75
N GLY A 76 3.48 -5.09 -9.02
CA GLY A 76 4.05 -6.36 -8.58
C GLY A 76 3.18 -7.05 -7.54
N GLY A 77 3.36 -8.36 -7.40
CA GLY A 77 2.55 -9.18 -6.47
C GLY A 77 1.37 -9.82 -7.17
N ASP A 78 0.58 -10.60 -6.44
CA ASP A 78 -0.63 -11.16 -7.04
C ASP A 78 -1.88 -10.43 -6.55
N VAL A 79 -2.67 -11.09 -5.71
CA VAL A 79 -3.93 -10.53 -5.26
C VAL A 79 -3.73 -9.71 -3.98
N THR A 80 -4.45 -8.59 -3.87
CA THR A 80 -4.60 -7.93 -2.57
C THR A 80 -5.96 -7.32 -2.37
N TYR A 81 -6.21 -6.92 -1.15
CA TYR A 81 -7.46 -6.33 -0.76
C TYR A 81 -7.16 -4.95 -0.20
N HIS A 82 -7.97 -3.98 -0.60
CA HIS A 82 -8.03 -2.68 0.06
C HIS A 82 -9.43 -2.42 0.52
N GLY A 83 -9.58 -1.74 1.66
CA GLY A 83 -10.89 -1.35 2.13
C GLY A 83 -10.76 -0.31 3.23
N PRO A 84 -11.90 0.18 3.72
CA PRO A 84 -11.89 1.20 4.76
C PRO A 84 -11.03 0.79 5.96
N GLY A 85 -10.29 1.76 6.48
CA GLY A 85 -9.40 1.51 7.62
C GLY A 85 -8.01 1.12 7.20
N GLN A 86 -7.80 0.87 5.92
CA GLN A 86 -6.47 0.57 5.41
C GLN A 86 -5.89 1.83 4.81
N LEU A 87 -4.73 2.25 5.29
CA LEU A 87 -4.07 3.43 4.75
C LEU A 87 -3.29 3.04 3.50
N VAL A 88 -3.78 3.48 2.35
CA VAL A 88 -3.13 3.23 1.07
C VAL A 88 -2.25 4.42 0.76
N GLY A 89 -0.99 4.15 0.40
CA GLY A 89 -0.07 5.21 0.00
C GLY A 89 0.49 4.91 -1.37
N TYR A 90 0.42 5.90 -2.24
CA TYR A 90 1.00 5.81 -3.56
C TYR A 90 2.13 6.82 -3.70
N PRO A 91 3.37 6.39 -3.42
CA PRO A 91 4.51 7.30 -3.66
C PRO A 91 4.83 7.29 -5.15
N ILE A 92 4.61 8.44 -5.78
CA ILE A 92 4.84 8.61 -7.20
C ILE A 92 6.10 9.45 -7.29
N PHE A 93 7.23 8.73 -7.30
CA PHE A 93 8.56 9.30 -7.06
C PHE A 93 9.49 8.98 -8.25
N PRO A 94 10.39 9.92 -8.60
CA PRO A 94 11.34 9.66 -9.69
C PRO A 94 12.51 8.79 -9.24
N VAL A 95 12.27 7.48 -9.20
CA VAL A 95 13.21 6.50 -8.65
C VAL A 95 14.30 6.05 -9.63
N GLY A 96 14.08 6.29 -10.92
CA GLY A 96 15.02 5.86 -11.94
C GLY A 96 15.01 4.36 -12.05
N ARG A 97 16.22 3.77 -12.11
CA ARG A 97 16.40 2.35 -12.31
C ARG A 97 16.42 1.55 -11.00
N GLU A 98 16.59 2.25 -9.88
CA GLU A 98 16.82 1.55 -8.59
C GLU A 98 15.52 1.24 -7.85
N VAL A 99 14.78 0.28 -8.39
CA VAL A 99 13.47 -0.10 -7.85
C VAL A 99 13.60 -0.90 -6.54
N ARG A 100 14.54 -1.84 -6.48
CA ARG A 100 14.73 -2.62 -5.25
C ARG A 100 15.05 -1.72 -4.05
N ARG A 101 15.91 -0.72 -4.27
CA ARG A 101 16.24 0.28 -3.26
C ARG A 101 15.00 1.03 -2.80
N PHE A 102 14.17 1.45 -3.76
CA PHE A 102 12.92 2.13 -3.46
C PHE A 102 11.99 1.27 -2.60
N LEU A 103 11.83 0.01 -2.96
CA LEU A 103 11.02 -0.91 -2.15
C LEU A 103 11.54 -1.00 -0.72
N ARG A 104 12.86 -1.08 -0.57
CA ARG A 104 13.46 -1.18 0.76
C ARG A 104 13.19 0.08 1.56
N GLN A 105 13.18 1.24 0.90
CA GLN A 105 12.87 2.51 1.57
C GLN A 105 11.42 2.58 2.04
N ILE A 106 10.49 2.11 1.22
CA ILE A 106 9.09 2.06 1.65
C ILE A 106 8.99 1.15 2.88
N GLU A 107 9.59 -0.03 2.79
CA GLU A 107 9.63 -0.97 3.92
C GLU A 107 10.16 -0.31 5.17
N GLU A 108 11.27 0.41 5.05
CA GLU A 108 11.89 1.05 6.19
C GLU A 108 10.96 2.09 6.82
N ALA A 109 10.28 2.87 5.97
CA ALA A 109 9.35 3.87 6.46
C ALA A 109 8.24 3.20 7.28
N ILE A 110 7.67 2.11 6.75
CA ILE A 110 6.64 1.37 7.45
C ILE A 110 7.15 0.77 8.78
N VAL A 111 8.36 0.22 8.77
CA VAL A 111 8.97 -0.29 10.00
C VAL A 111 9.09 0.82 11.06
N ARG A 112 9.46 2.03 10.62
CA ARG A 112 9.51 3.18 11.53
C ARG A 112 8.14 3.54 12.10
N VAL A 113 7.11 3.54 11.26
CA VAL A 113 5.76 3.83 11.73
C VAL A 113 5.37 2.82 12.82
N ALA A 114 5.59 1.53 12.57
CA ALA A 114 5.27 0.51 13.56
C ALA A 114 6.04 0.73 14.85
N ALA A 115 7.33 1.07 14.75
CA ALA A 115 8.15 1.29 15.94
C ALA A 115 7.58 2.42 16.79
N GLY A 116 7.02 3.44 16.13
CA GLY A 116 6.41 4.58 16.81
C GLY A 116 5.22 4.22 17.68
N TYR A 117 4.59 3.08 17.37
CA TYR A 117 3.49 2.50 18.16
C TYR A 117 3.95 1.43 19.15
N GLY A 118 5.27 1.25 19.25
CA GLY A 118 5.85 0.22 20.11
C GLY A 118 5.81 -1.18 19.52
N ILE A 119 5.63 -1.26 18.20
CA ILE A 119 5.50 -2.53 17.50
C ILE A 119 6.76 -2.82 16.71
N SER A 120 7.29 -4.03 16.88
CA SER A 120 8.49 -4.45 16.15
C SER A 120 8.08 -5.15 14.85
N ALA A 121 8.35 -4.48 13.73
CA ALA A 121 7.99 -5.02 12.42
C ALA A 121 9.25 -5.23 11.59
N TYR A 122 9.15 -6.08 10.59
CA TYR A 122 10.29 -6.32 9.72
C TYR A 122 9.87 -6.66 8.30
N PRO A 123 10.71 -6.32 7.32
CA PRO A 123 10.38 -6.72 5.96
C PRO A 123 10.32 -8.24 5.80
N THR A 124 11.13 -8.94 6.60
CA THR A 124 11.45 -10.37 6.48
C THR A 124 12.41 -10.57 5.31
N PRO A 125 13.33 -11.54 5.45
CA PRO A 125 14.18 -11.90 4.32
C PRO A 125 13.44 -12.50 3.13
N GLY A 126 12.27 -13.08 3.37
CA GLY A 126 11.67 -13.92 2.34
C GLY A 126 10.30 -13.57 1.80
N TYR A 127 9.59 -12.65 2.47
CA TYR A 127 8.21 -12.32 2.09
C TYR A 127 8.07 -10.84 1.75
N ALA A 128 7.46 -10.53 0.61
CA ALA A 128 7.13 -9.17 0.26
C ALA A 128 6.23 -8.57 1.34
N GLY A 129 6.34 -7.26 1.51
CA GLY A 129 5.53 -6.55 2.51
C GLY A 129 6.23 -6.48 3.85
N VAL A 130 5.55 -5.86 4.81
CA VAL A 130 6.08 -5.73 6.17
C VAL A 130 5.23 -6.51 7.16
N TRP A 131 5.92 -7.25 8.01
CA TRP A 131 5.32 -8.27 8.86
C TRP A 131 5.58 -7.97 10.33
N VAL A 132 4.65 -8.40 11.18
CA VAL A 132 4.84 -8.43 12.64
C VAL A 132 4.68 -9.88 13.00
N GLY A 133 5.79 -10.51 13.35
CA GLY A 133 5.82 -11.95 13.51
C GLY A 133 5.30 -12.60 12.25
N GLU A 134 4.31 -13.48 12.41
CA GLU A 134 3.85 -14.28 11.29
C GLU A 134 2.73 -13.62 10.50
N ASP A 135 2.40 -12.38 10.83
CA ASP A 135 1.27 -11.68 10.19
C ASP A 135 1.68 -10.45 9.41
N LYS A 136 1.05 -10.26 8.25
CA LYS A 136 1.39 -9.14 7.39
C LYS A 136 0.64 -7.88 7.79
N LEU A 137 1.40 -6.85 8.13
CA LEU A 137 0.87 -5.56 8.58
C LEU A 137 0.64 -4.62 7.39
N CYS A 138 1.51 -4.72 6.38
CA CYS A 138 1.49 -3.79 5.27
C CYS A 138 1.88 -4.53 3.99
N ALA A 139 1.00 -4.50 3.00
CA ALA A 139 1.32 -5.03 1.67
C ALA A 139 2.06 -3.96 0.87
N ILE A 140 2.96 -4.39 0.00
CA ILE A 140 3.70 -3.47 -0.86
C ILE A 140 3.76 -4.05 -2.27
N GLY A 141 3.38 -3.25 -3.24
CA GLY A 141 3.40 -3.67 -4.64
C GLY A 141 3.44 -2.43 -5.50
N VAL A 142 4.54 -2.25 -6.20
CA VAL A 142 4.73 -1.06 -7.00
C VAL A 142 4.83 -1.36 -8.48
N ALA A 143 4.72 -0.31 -9.28
CA ALA A 143 5.04 -0.37 -10.70
C ALA A 143 5.97 0.81 -10.97
N VAL A 144 6.77 0.71 -12.03
CA VAL A 144 7.66 1.82 -12.39
C VAL A 144 7.54 1.94 -13.89
N LYS A 145 7.33 3.17 -14.36
CA LYS A 145 7.23 3.46 -15.78
C LYS A 145 7.93 4.79 -16.00
N GLU A 146 8.76 4.84 -17.04
CA GLU A 146 9.54 6.03 -17.36
C GLU A 146 10.31 6.56 -16.14
N GLY A 147 10.81 5.63 -15.32
CA GLY A 147 11.62 5.96 -14.15
C GLY A 147 10.88 6.57 -12.98
N VAL A 148 9.56 6.53 -13.04
CA VAL A 148 8.73 7.06 -11.95
C VAL A 148 7.80 5.97 -11.44
N SER A 149 7.74 5.86 -10.12
CA SER A 149 6.92 4.83 -9.48
C SER A 149 5.43 5.17 -9.45
N PHE A 150 4.62 4.13 -9.32
CA PHE A 150 3.22 4.30 -8.94
C PHE A 150 2.76 3.03 -8.22
N HIS A 151 1.48 2.93 -7.91
CA HIS A 151 1.01 2.00 -6.87
C HIS A 151 1.81 2.26 -5.60
N GLY A 152 1.99 1.27 -4.74
CA GLY A 152 2.66 1.58 -3.48
C GLY A 152 2.43 0.60 -2.38
N PHE A 153 1.86 1.09 -1.26
CA PHE A 153 1.71 0.26 -0.07
C PHE A 153 0.32 0.35 0.52
N ALA A 154 0.00 -0.61 1.39
CA ALA A 154 -1.31 -0.66 2.03
C ALA A 154 -1.14 -1.09 3.48
N LEU A 155 -1.13 -0.10 4.36
CA LEU A 155 -0.90 -0.29 5.78
C LEU A 155 -2.22 -0.54 6.49
N ASN A 156 -2.34 -1.69 7.14
CA ASN A 156 -3.58 -1.98 7.87
C ASN A 156 -3.61 -1.22 9.18
N VAL A 157 -4.50 -0.24 9.26
CA VAL A 157 -4.65 0.57 10.46
C VAL A 157 -5.85 0.00 11.23
N ASN A 158 -7.06 0.23 10.71
CA ASN A 158 -8.31 -0.28 11.31
C ASN A 158 -9.08 -1.17 10.34
N THR A 159 -8.34 -1.80 9.43
CA THR A 159 -8.92 -2.64 8.39
C THR A 159 -9.80 -3.75 8.95
N ASP A 160 -10.88 -4.07 8.22
CA ASP A 160 -11.64 -5.30 8.45
C ASP A 160 -10.81 -6.46 7.93
N LEU A 161 -10.00 -7.05 8.82
CA LEU A 161 -9.07 -8.10 8.42
C LEU A 161 -9.78 -9.34 7.92
N ASN A 162 -11.03 -9.52 8.33
CA ASN A 162 -11.81 -10.66 7.88
C ASN A 162 -11.98 -10.69 6.37
N ASP A 163 -11.88 -9.52 5.71
CA ASP A 163 -12.05 -9.47 4.26
C ASP A 163 -10.90 -10.12 3.49
N PHE A 164 -9.75 -10.34 4.15
CA PHE A 164 -8.62 -11.00 3.50
C PHE A 164 -8.86 -12.50 3.29
N THR A 165 -9.79 -13.08 4.05
CA THR A 165 -9.96 -14.53 4.02
C THR A 165 -10.44 -15.03 2.67
N VAL A 166 -11.14 -14.18 1.91
CA VAL A 166 -11.67 -14.57 0.59
C VAL A 166 -10.66 -14.49 -0.57
N ILE A 167 -9.45 -14.02 -0.30
CA ILE A 167 -8.41 -14.05 -1.33
C ILE A 167 -7.27 -14.97 -0.93
N VAL A 168 -6.63 -15.54 -1.96
CA VAL A 168 -5.72 -16.66 -1.76
C VAL A 168 -4.40 -16.34 -2.46
N PRO A 169 -3.51 -15.60 -1.77
CA PRO A 169 -2.23 -15.30 -2.41
C PRO A 169 -1.39 -16.57 -2.57
N CYS A 170 -0.49 -16.52 -3.54
CA CYS A 170 0.37 -17.65 -3.82
C CYS A 170 1.83 -17.32 -3.53
N GLY A 171 2.63 -18.36 -3.38
CA GLY A 171 4.05 -18.17 -3.08
C GLY A 171 4.34 -18.18 -1.59
N LEU A 172 5.55 -17.76 -1.25
CA LEU A 172 6.02 -17.77 0.13
C LEU A 172 5.37 -16.65 0.94
N LYS A 173 4.95 -17.00 2.16
CA LYS A 173 4.31 -16.03 3.05
C LYS A 173 4.24 -16.58 4.47
N GLY A 174 3.89 -15.70 5.40
CA GLY A 174 3.61 -16.10 6.77
C GLY A 174 2.22 -16.68 6.87
N LYS A 175 1.62 -16.57 8.04
CA LYS A 175 0.36 -17.25 8.26
C LYS A 175 -0.87 -16.36 8.09
N GLY A 176 -0.77 -15.11 8.53
CA GLY A 176 -1.95 -14.26 8.54
C GLY A 176 -1.71 -12.82 8.20
N VAL A 177 -2.65 -11.99 8.63
CA VAL A 177 -2.60 -10.56 8.38
C VAL A 177 -2.94 -9.89 9.69
N THR A 178 -2.45 -8.67 9.87
CA THR A 178 -2.69 -7.92 11.08
C THR A 178 -2.83 -6.44 10.79
N SER A 179 -3.15 -5.68 11.83
CA SER A 179 -3.39 -4.25 11.70
C SER A 179 -2.93 -3.59 12.97
N LEU A 180 -2.74 -2.27 12.95
CA LEU A 180 -2.41 -1.56 14.18
C LEU A 180 -3.52 -1.77 15.21
N GLU A 181 -4.77 -1.69 14.76
CA GLU A 181 -5.91 -1.93 15.65
C GLU A 181 -5.84 -3.30 16.34
N LYS A 182 -5.55 -4.35 15.57
CA LYS A 182 -5.51 -5.70 16.15
C LYS A 182 -4.36 -5.82 17.14
N LEU A 183 -3.20 -5.26 16.79
CA LEU A 183 -2.01 -5.34 17.63
C LEU A 183 -2.16 -4.56 18.91
N LEU A 184 -2.87 -3.44 18.84
CA LEU A 184 -3.00 -2.54 19.99
C LEU A 184 -4.30 -2.71 20.76
N GLY A 185 -5.25 -3.46 20.19
CA GLY A 185 -6.54 -3.71 20.87
C GLY A 185 -7.53 -2.56 20.84
N ARG A 186 -7.33 -1.63 19.93
CA ARG A 186 -8.17 -0.43 19.80
C ARG A 186 -7.88 0.21 18.45
N LYS A 187 -8.86 0.95 17.94
CA LYS A 187 -8.69 1.73 16.72
C LYS A 187 -7.68 2.85 16.90
N VAL A 188 -6.93 3.13 15.84
CA VAL A 188 -5.92 4.19 15.80
C VAL A 188 -6.46 5.23 14.81
N PRO A 189 -6.44 6.53 15.17
CA PRO A 189 -7.02 7.50 14.23
C PRO A 189 -6.26 7.54 12.91
N MET A 190 -7.01 7.46 11.80
CA MET A 190 -6.41 7.51 10.47
C MET A 190 -5.57 8.76 10.23
N GLU A 191 -6.02 9.91 10.74
CA GLU A 191 -5.27 11.15 10.59
C GLU A 191 -3.87 11.02 11.20
N GLU A 192 -3.78 10.34 12.35
CA GLU A 192 -2.51 10.14 13.01
C GLU A 192 -1.61 9.18 12.23
N ALA A 193 -2.19 8.08 11.75
CA ALA A 193 -1.40 7.14 10.96
C ALA A 193 -0.82 7.85 9.72
N LYS A 194 -1.61 8.69 9.06
CA LYS A 194 -1.11 9.48 7.93
C LYS A 194 0.06 10.38 8.34
N ALA A 195 -0.08 11.08 9.47
CA ALA A 195 1.00 11.96 9.94
C ALA A 195 2.28 11.17 10.21
N ARG A 196 2.14 10.00 10.82
CA ARG A 196 3.30 9.20 11.14
C ARG A 196 3.98 8.64 9.89
N VAL A 197 3.16 8.30 8.91
CA VAL A 197 3.69 7.87 7.62
C VAL A 197 4.46 9.00 6.95
N VAL A 198 3.89 10.21 6.96
CA VAL A 198 4.57 11.35 6.33
C VAL A 198 5.93 11.59 7.00
N ALA A 199 5.95 11.57 8.33
CA ALA A 199 7.19 11.79 9.08
C ALA A 199 8.22 10.71 8.75
N ALA A 200 7.77 9.47 8.65
CA ALA A 200 8.66 8.37 8.34
C ALA A 200 9.25 8.48 6.94
N PHE A 201 8.41 8.84 5.96
CA PHE A 201 8.91 9.05 4.60
C PHE A 201 9.93 10.18 4.54
N ALA A 202 9.64 11.25 5.27
CA ALA A 202 10.54 12.42 5.29
C ALA A 202 11.91 11.99 5.81
N GLU A 203 11.91 11.18 6.87
CA GLU A 203 13.14 10.72 7.49
C GLU A 203 13.92 9.78 6.56
N VAL A 204 13.24 8.77 6.04
CA VAL A 204 13.90 7.75 5.21
C VAL A 204 14.45 8.31 3.90
N PHE A 205 13.65 9.12 3.23
CA PHE A 205 14.06 9.70 1.96
C PHE A 205 14.91 10.95 2.10
N GLY A 206 14.94 11.54 3.29
CA GLY A 206 15.70 12.79 3.50
C GLY A 206 15.10 13.95 2.74
N LEU A 207 13.78 14.01 2.72
CA LEU A 207 13.09 15.09 2.01
C LEU A 207 12.12 15.80 2.94
N ARG A 208 11.89 17.09 2.69
CA ARG A 208 10.96 17.88 3.49
C ARG A 208 9.55 17.80 2.92
N PRO A 209 8.57 17.47 3.78
CA PRO A 209 7.20 17.37 3.32
C PRO A 209 6.57 18.75 3.12
N VAL A 210 5.89 18.91 1.98
CA VAL A 210 5.09 20.11 1.70
C VAL A 210 3.63 19.73 1.39
#